data_7YFK
#
_entry.id   7YFK
#
_cell.length_a   84.986
_cell.length_b   90.163
_cell.length_c   106.391
_cell.angle_alpha   90.00
_cell.angle_beta   90.00
_cell.angle_gamma   90.00
#
_symmetry.space_group_name_H-M   'P 21 21 21'
#
loop_
_entity.id
_entity.type
_entity.pdbx_description
1 polymer 'Nuclear receptor subfamily 1 group I member 2,Nuclear receptor coactivator 1'
2 non-polymer Nomilin
3 water water
#
_entity_poly.entity_id   1
_entity_poly.type   'polypeptide(L)'
_entity_poly.pdbx_seq_one_letter_code
;MSERTGTQPLGVQGLTEEQRMMIRELMDAQMKTFDTTFSHFKNFRLPGVLSSGCELPESLQAPSREEAAKWSQVRKDLCS
LKVSLQLRGEDGSVWNYKPPADSGGKEIFSLLPHMADMSTYMFKGIISFAKVISYFRDLPIEDQISLLKGAAFELCQLRF
NTVFNAETGTWECGRLSYCLEDTAGGFQQLLLEPMLKFHYMLKKLQLHEEEYVLMQAISLFSPDRPGVLQHRVVDQLQEQ
FAITLKSYIECNRPQPAHRFLFLKIMAMLTELRSINAQHTQRLLRIQDIHPFATPLMQELFGITGSSSSGGTCPSSHSSL
TERHKILHRLLQEGSPSAAA
;
_entity_poly.pdbx_strand_id   A,B
#
# COMPACT_ATOMS: atom_id res chain seq x y z
N GLY A 14 31.52 -37.54 -20.25
CA GLY A 14 30.12 -37.18 -20.20
C GLY A 14 29.35 -37.94 -19.13
N LEU A 15 28.07 -37.63 -18.98
CA LEU A 15 27.22 -38.32 -18.01
C LEU A 15 26.70 -39.63 -18.60
N THR A 16 26.36 -40.57 -17.72
CA THR A 16 25.74 -41.78 -18.21
C THR A 16 24.32 -41.47 -18.67
N GLU A 17 23.78 -42.37 -19.50
CA GLU A 17 22.43 -42.10 -19.99
C GLU A 17 21.43 -42.11 -18.83
N GLU A 18 21.66 -42.94 -17.81
CA GLU A 18 20.83 -42.89 -16.61
C GLU A 18 20.89 -41.50 -15.98
N GLN A 19 22.11 -41.01 -15.72
CA GLN A 19 22.28 -39.69 -15.15
C GLN A 19 21.57 -38.62 -15.97
N ARG A 20 21.68 -38.71 -17.30
CA ARG A 20 21.05 -37.70 -18.15
C ARG A 20 19.53 -37.74 -18.02
N MET A 21 18.96 -38.95 -17.93
CA MET A 21 17.52 -39.09 -17.79
C MET A 21 17.05 -38.62 -16.42
N MET A 22 17.85 -38.82 -15.40
CA MET A 22 17.47 -38.39 -14.06
C MET A 22 17.46 -36.86 -13.96
N ILE A 23 18.43 -36.21 -14.61
CA ILE A 23 18.43 -34.75 -14.68
C ILE A 23 17.22 -34.25 -15.45
N ARG A 24 16.88 -34.92 -16.56
CA ARG A 24 15.72 -34.52 -17.34
C ARG A 24 14.43 -34.69 -16.54
N GLU A 25 14.29 -35.80 -15.80
CA GLU A 25 13.11 -35.92 -14.93
C GLU A 25 13.03 -34.78 -13.92
N LEU A 26 14.15 -34.41 -13.31
CA LEU A 26 14.09 -33.33 -12.33
C LEU A 26 13.80 -31.99 -13.00
N MET A 27 14.39 -31.74 -14.17
CA MET A 27 14.17 -30.49 -14.88
C MET A 27 12.71 -30.38 -15.30
N ASP A 28 12.15 -31.48 -15.81
CA ASP A 28 10.74 -31.49 -16.17
CA ASP A 28 10.73 -31.57 -16.15
C ASP A 28 9.85 -31.26 -14.95
N ALA A 29 10.13 -31.93 -13.83
CA ALA A 29 9.37 -31.67 -12.60
C ALA A 29 9.49 -30.20 -12.19
N GLN A 30 10.68 -29.62 -12.24
CA GLN A 30 10.85 -28.22 -11.92
C GLN A 30 10.05 -27.33 -12.88
N MET A 31 10.11 -27.63 -14.17
CA MET A 31 9.40 -26.79 -15.14
C MET A 31 7.89 -26.85 -14.91
N LYS A 32 7.37 -28.02 -14.55
CA LYS A 32 5.93 -28.19 -14.41
C LYS A 32 5.38 -27.53 -13.14
N THR A 33 6.21 -27.34 -12.13
CA THR A 33 5.69 -27.03 -10.78
C THR A 33 6.30 -25.80 -10.13
N PHE A 34 7.20 -25.08 -10.80
CA PHE A 34 7.80 -23.86 -10.25
C PHE A 34 7.26 -22.72 -11.11
N ASP A 35 6.28 -22.00 -10.57
CA ASP A 35 5.69 -20.80 -11.16
C ASP A 35 6.68 -19.64 -10.96
N THR A 36 7.69 -19.59 -11.84
CA THR A 36 8.80 -18.67 -11.60
C THR A 36 8.36 -17.21 -11.67
N THR A 37 7.31 -16.90 -12.43
CA THR A 37 6.76 -15.55 -12.47
C THR A 37 5.73 -15.30 -11.38
N PHE A 38 5.42 -16.29 -10.54
CA PHE A 38 4.40 -16.16 -9.50
C PHE A 38 3.06 -15.69 -10.07
N SER A 39 2.76 -16.08 -11.31
CA SER A 39 1.53 -15.64 -11.96
C SER A 39 0.28 -16.17 -11.26
N HIS A 40 0.36 -17.31 -10.57
CA HIS A 40 -0.84 -17.88 -9.98
C HIS A 40 -0.88 -17.73 -8.47
N PHE A 41 0.03 -16.93 -7.91
CA PHE A 41 -0.07 -16.52 -6.51
C PHE A 41 -1.04 -15.36 -6.47
N LYS A 42 -2.27 -15.63 -6.01
CA LYS A 42 -3.38 -14.67 -5.98
C LYS A 42 -4.14 -14.79 -4.66
N ASN A 43 -4.97 -13.79 -4.38
CA ASN A 43 -5.90 -13.82 -3.24
C ASN A 43 -5.17 -13.87 -1.90
N PHE A 44 -3.91 -13.45 -1.85
CA PHE A 44 -3.16 -13.49 -0.60
C PHE A 44 -3.52 -12.30 0.27
N ARG A 45 -3.30 -12.46 1.57
CA ARG A 45 -3.60 -11.40 2.53
C ARG A 45 -2.49 -10.37 2.52
N LEU A 46 -2.84 -9.16 2.96
CA LEU A 46 -1.91 -8.04 2.95
C LEU A 46 -2.04 -7.27 4.27
N PRO A 47 -0.94 -6.72 4.77
CA PRO A 47 -1.02 -5.94 6.01
C PRO A 47 -2.02 -4.80 5.86
N GLY A 48 -3.01 -4.77 6.74
CA GLY A 48 -4.09 -3.82 6.67
C GLY A 48 -3.64 -2.38 6.56
N VAL A 49 -4.49 -1.54 5.99
CA VAL A 49 -4.17 -0.14 5.77
C VAL A 49 -4.01 0.64 7.09
N SER A 64 2.26 -12.89 32.52
CA SER A 64 3.11 -11.73 32.33
C SER A 64 4.48 -11.91 32.99
N ARG A 65 4.87 -13.18 33.19
CA ARG A 65 6.18 -13.50 33.73
C ARG A 65 6.99 -14.12 32.62
N GLU A 66 7.20 -15.45 32.62
CA GLU A 66 7.71 -16.21 31.48
C GLU A 66 7.05 -15.80 30.17
N GLU A 67 5.81 -15.32 30.24
CA GLU A 67 5.12 -14.91 29.01
C GLU A 67 5.77 -13.68 28.40
N ALA A 68 6.19 -12.73 29.24
CA ALA A 68 6.98 -11.61 28.75
C ALA A 68 8.34 -12.06 28.22
N ALA A 69 8.87 -13.17 28.74
CA ALA A 69 10.09 -13.75 28.19
C ALA A 69 9.85 -14.42 26.85
N LYS A 70 8.64 -14.97 26.64
CA LYS A 70 8.30 -15.48 25.31
C LYS A 70 8.20 -14.35 24.30
N TRP A 71 7.58 -13.23 24.69
CA TRP A 71 7.45 -12.09 23.78
C TRP A 71 8.81 -11.52 23.42
N SER A 72 9.73 -11.43 24.39
CA SER A 72 11.05 -10.88 24.08
C SER A 72 11.83 -11.77 23.12
N GLN A 73 11.61 -13.08 23.16
CA GLN A 73 12.24 -13.95 22.19
C GLN A 73 11.58 -13.82 20.83
N VAL A 74 10.24 -13.70 20.81
CA VAL A 74 9.52 -13.57 19.55
C VAL A 74 9.82 -12.24 18.87
N ARG A 75 10.05 -11.17 19.64
CA ARG A 75 10.51 -9.92 19.05
C ARG A 75 11.84 -10.11 18.33
N LYS A 76 12.78 -10.82 18.97
CA LYS A 76 14.04 -11.18 18.31
C LYS A 76 13.77 -11.95 17.02
N ASP A 77 12.81 -12.88 17.07
CA ASP A 77 12.56 -13.77 15.95
C ASP A 77 12.00 -13.00 14.76
N LEU A 78 11.14 -12.03 15.02
CA LEU A 78 10.44 -11.30 13.98
C LEU A 78 11.32 -10.26 13.29
N CYS A 79 12.14 -9.53 14.06
CA CYS A 79 12.94 -8.47 13.46
C CYS A 79 14.06 -9.04 12.59
N SER A 80 14.44 -10.29 12.79
CA SER A 80 15.33 -10.95 11.85
C SER A 80 14.62 -11.30 10.55
N LEU A 81 13.28 -11.20 10.51
CA LEU A 81 12.48 -11.57 9.36
C LEU A 81 11.74 -10.38 8.77
N LYS A 82 12.37 -9.20 8.73
CA LYS A 82 11.70 -7.99 8.26
C LYS A 82 12.14 -7.65 6.84
N VAL A 83 11.16 -7.53 5.94
CA VAL A 83 11.35 -7.03 4.59
C VAL A 83 10.27 -5.99 4.29
N SER A 84 10.55 -5.14 3.31
CA SER A 84 9.49 -4.34 2.72
C SER A 84 8.91 -5.08 1.52
N LEU A 85 7.72 -4.63 1.12
CA LEU A 85 6.89 -5.34 0.17
C LEU A 85 6.53 -4.37 -0.95
N GLN A 86 6.77 -4.78 -2.19
CA GLN A 86 6.42 -3.98 -3.35
C GLN A 86 5.49 -4.77 -4.26
N LEU A 87 4.41 -4.12 -4.74
CA LEU A 87 3.48 -4.76 -5.67
C LEU A 87 3.32 -3.86 -6.88
N ARG A 88 3.74 -4.34 -8.05
CA ARG A 88 3.63 -3.58 -9.29
C ARG A 88 2.35 -4.01 -10.01
N GLY A 89 1.42 -3.09 -10.18
CA GLY A 89 0.21 -3.40 -10.91
C GLY A 89 0.47 -3.52 -12.40
N GLU A 90 -0.45 -4.22 -13.08
CA GLU A 90 -0.36 -4.30 -14.55
C GLU A 90 -0.50 -2.94 -15.21
N ASP A 91 -1.23 -2.01 -14.58
CA ASP A 91 -1.33 -0.70 -15.22
C ASP A 91 -0.06 0.14 -15.08
N GLY A 92 1.00 -0.35 -14.42
CA GLY A 92 2.16 0.47 -14.17
C GLY A 92 2.18 1.17 -12.81
N SER A 93 1.10 1.09 -12.03
CA SER A 93 1.11 1.65 -10.68
C SER A 93 1.94 0.77 -9.76
N VAL A 94 2.39 1.34 -8.63
CA VAL A 94 3.18 0.58 -7.66
C VAL A 94 2.70 0.91 -6.25
N TRP A 95 2.33 -0.13 -5.50
CA TRP A 95 2.08 -0.05 -4.06
C TRP A 95 3.32 -0.53 -3.32
N ASN A 96 3.71 0.17 -2.27
CA ASN A 96 4.89 -0.20 -1.48
C ASN A 96 4.57 -0.16 0.02
N TYR A 97 4.98 -1.20 0.74
CA TYR A 97 4.70 -1.35 2.17
C TYR A 97 6.01 -1.38 2.95
N LYS A 98 6.16 -0.42 3.88
CA LYS A 98 7.29 -0.47 4.79
C LYS A 98 6.81 -0.91 6.16
N PRO A 99 7.45 -1.89 6.80
CA PRO A 99 6.97 -2.37 8.10
C PRO A 99 7.38 -1.40 9.20
N PRO A 100 6.80 -1.52 10.39
CA PRO A 100 7.12 -0.57 11.47
C PRO A 100 8.44 -0.91 12.13
N ALA A 101 8.89 0.00 13.00
CA ALA A 101 9.94 -0.34 13.96
C ALA A 101 9.32 -1.11 15.12
N ASP A 102 10.14 -1.92 15.79
CA ASP A 102 9.63 -2.92 16.73
C ASP A 102 8.65 -2.32 17.73
N SER A 103 9.01 -1.18 18.34
CA SER A 103 8.19 -0.55 19.35
C SER A 103 7.86 -1.54 20.46
N GLY A 104 6.69 -2.14 20.41
CA GLY A 104 6.27 -3.08 21.45
C GLY A 104 4.78 -3.35 21.47
N GLY A 105 4.36 -4.33 20.68
CA GLY A 105 2.95 -4.64 20.53
C GLY A 105 2.77 -5.57 19.36
N LYS A 106 1.52 -5.72 18.94
CA LYS A 106 1.21 -6.66 17.86
C LYS A 106 1.53 -6.10 16.47
N GLU A 107 1.98 -4.85 16.39
CA GLU A 107 2.39 -4.29 15.09
C GLU A 107 3.45 -5.13 14.39
N ILE A 108 4.27 -5.85 15.17
CA ILE A 108 5.34 -6.64 14.58
C ILE A 108 4.82 -7.89 13.88
N PHE A 109 3.56 -8.25 14.09
CA PHE A 109 2.94 -9.40 13.44
C PHE A 109 2.28 -9.07 12.11
N SER A 110 2.40 -7.82 11.62
CA SER A 110 1.52 -7.34 10.55
C SER A 110 1.71 -8.08 9.23
N LEU A 111 2.89 -8.63 8.97
CA LEU A 111 3.12 -9.32 7.70
C LEU A 111 2.97 -10.83 7.81
N LEU A 112 2.71 -11.37 9.01
CA LEU A 112 2.61 -12.82 9.15
C LEU A 112 1.51 -13.44 8.30
N PRO A 113 0.28 -12.87 8.21
CA PRO A 113 -0.72 -13.48 7.31
C PRO A 113 -0.26 -13.57 5.86
N HIS A 114 0.34 -12.50 5.34
CA HIS A 114 0.84 -12.53 3.97
C HIS A 114 1.91 -13.60 3.78
N MET A 115 2.84 -13.70 4.74
CA MET A 115 3.91 -14.70 4.64
C MET A 115 3.36 -16.11 4.76
N ALA A 116 2.30 -16.30 5.56
CA ALA A 116 1.71 -17.63 5.62
C ALA A 116 1.15 -18.01 4.26
N ASP A 117 0.59 -17.02 3.54
CA ASP A 117 0.04 -17.28 2.21
C ASP A 117 1.15 -17.54 1.18
N MET A 118 2.23 -16.75 1.19
CA MET A 118 3.37 -17.03 0.31
C MET A 118 3.95 -18.42 0.58
N SER A 119 4.21 -18.74 1.85
CA SER A 119 4.81 -20.04 2.17
C SER A 119 3.92 -21.18 1.74
N THR A 120 2.61 -21.06 1.99
CA THR A 120 1.68 -22.13 1.64
C THR A 120 1.68 -22.33 0.14
N TYR A 121 1.65 -21.24 -0.63
CA TYR A 121 1.76 -21.31 -2.08
C TYR A 121 3.04 -22.01 -2.51
N MET A 122 4.17 -21.64 -1.91
CA MET A 122 5.42 -22.27 -2.31
C MET A 122 5.45 -23.75 -1.92
N PHE A 123 4.92 -24.09 -0.74
CA PHE A 123 4.91 -25.49 -0.30
C PHE A 123 4.08 -26.38 -1.23
N LYS A 124 2.93 -25.89 -1.70
CA LYS A 124 2.15 -26.66 -2.66
C LYS A 124 2.94 -26.93 -3.93
N GLY A 125 3.72 -25.96 -4.40
CA GLY A 125 4.52 -26.22 -5.59
C GLY A 125 5.61 -27.24 -5.34
N ILE A 126 6.17 -27.27 -4.12
CA ILE A 126 7.19 -28.26 -3.77
C ILE A 126 6.58 -29.65 -3.58
N ILE A 127 5.38 -29.75 -3.00
CA ILE A 127 4.68 -31.03 -2.94
C ILE A 127 4.42 -31.56 -4.34
N SER A 128 3.93 -30.69 -5.24
CA SER A 128 3.75 -31.08 -6.63
C SER A 128 5.07 -31.49 -7.28
N PHE A 129 6.16 -30.75 -7.00
CA PHE A 129 7.48 -31.13 -7.47
C PHE A 129 7.83 -32.56 -7.09
N ALA A 130 7.68 -32.88 -5.81
CA ALA A 130 8.05 -34.23 -5.35
C ALA A 130 7.20 -35.27 -6.04
N LYS A 131 5.89 -35.00 -6.15
CA LYS A 131 4.95 -35.98 -6.71
C LYS A 131 5.30 -36.40 -8.13
N VAL A 132 5.94 -35.53 -8.90
CA VAL A 132 6.20 -35.81 -10.32
C VAL A 132 7.34 -36.83 -10.45
N ILE A 133 8.22 -36.88 -9.46
CA ILE A 133 9.48 -37.60 -9.55
C ILE A 133 9.23 -39.08 -9.30
N SER A 134 9.45 -39.91 -10.32
CA SER A 134 9.35 -41.36 -10.19
C SER A 134 9.97 -41.87 -8.90
N TYR A 135 11.22 -41.48 -8.60
CA TYR A 135 11.92 -42.02 -7.43
C TYR A 135 11.20 -41.69 -6.12
N PHE A 136 10.49 -40.55 -6.06
CA PHE A 136 9.73 -40.19 -4.86
C PHE A 136 8.36 -40.88 -4.85
N ARG A 137 7.69 -40.90 -6.01
CA ARG A 137 6.40 -41.56 -6.16
C ARG A 137 6.45 -43.03 -5.72
N ASP A 138 7.55 -43.72 -6.02
CA ASP A 138 7.67 -45.12 -5.65
C ASP A 138 7.89 -45.35 -4.16
N LEU A 139 8.16 -44.30 -3.36
CA LEU A 139 8.33 -44.51 -1.91
C LEU A 139 6.98 -44.71 -1.24
N PRO A 140 6.95 -45.45 -0.13
CA PRO A 140 5.69 -45.55 0.63
C PRO A 140 5.22 -44.18 1.11
N ILE A 141 3.90 -44.03 1.19
CA ILE A 141 3.29 -42.72 1.44
C ILE A 141 3.83 -42.08 2.72
N GLU A 142 4.10 -42.89 3.75
CA GLU A 142 4.54 -42.32 5.02
C GLU A 142 5.93 -41.70 4.90
N ASP A 143 6.81 -42.30 4.10
CA ASP A 143 8.10 -41.68 3.90
C ASP A 143 8.00 -40.44 3.00
N GLN A 144 7.09 -40.45 2.02
CA GLN A 144 6.83 -39.23 1.26
C GLN A 144 6.44 -38.08 2.17
N ILE A 145 5.52 -38.34 3.10
CA ILE A 145 5.12 -37.32 4.07
C ILE A 145 6.31 -36.87 4.93
N SER A 146 7.09 -37.84 5.44
CA SER A 146 8.21 -37.49 6.30
C SER A 146 9.28 -36.71 5.55
N LEU A 147 9.59 -37.11 4.33
CA LEU A 147 10.61 -36.38 3.56
C LEU A 147 10.12 -34.97 3.23
N LEU A 148 8.83 -34.80 2.99
CA LEU A 148 8.34 -33.47 2.66
C LEU A 148 8.30 -32.59 3.89
N LYS A 149 7.88 -33.14 5.04
CA LYS A 149 7.95 -32.39 6.30
C LYS A 149 9.38 -31.96 6.61
N GLY A 150 10.35 -32.84 6.36
CA GLY A 150 11.74 -32.50 6.63
C GLY A 150 12.36 -31.50 5.68
N ALA A 151 11.91 -31.47 4.43
CA ALA A 151 12.63 -30.74 3.39
C ALA A 151 11.88 -29.55 2.78
N ALA A 152 10.57 -29.44 3.02
CA ALA A 152 9.76 -28.44 2.33
C ALA A 152 10.37 -27.05 2.46
N PHE A 153 10.73 -26.64 3.67
CA PHE A 153 11.30 -25.32 3.87
C PHE A 153 12.62 -25.17 3.13
N GLU A 154 13.42 -26.24 3.04
CA GLU A 154 14.70 -26.15 2.35
C GLU A 154 14.50 -25.95 0.85
N LEU A 155 13.58 -26.72 0.25
CA LEU A 155 13.35 -26.57 -1.18
C LEU A 155 12.77 -25.19 -1.49
N CYS A 156 11.97 -24.65 -0.58
CA CYS A 156 11.43 -23.30 -0.75
CA CYS A 156 11.45 -23.30 -0.74
C CYS A 156 12.56 -22.28 -0.87
N GLN A 157 13.57 -22.38 0.02
CA GLN A 157 14.69 -21.44 -0.01
C GLN A 157 15.53 -21.61 -1.27
N LEU A 158 15.71 -22.86 -1.71
CA LEU A 158 16.43 -23.09 -2.95
C LEU A 158 15.71 -22.45 -4.14
N ARG A 159 14.38 -22.55 -4.16
CA ARG A 159 13.63 -21.88 -5.23
C ARG A 159 13.67 -20.36 -5.08
N PHE A 160 13.51 -19.85 -3.85
CA PHE A 160 13.64 -18.40 -3.65
C PHE A 160 15.02 -17.90 -4.07
N ASN A 161 16.06 -18.72 -3.88
CA ASN A 161 17.39 -18.22 -4.24
C ASN A 161 17.46 -17.87 -5.72
N THR A 162 16.71 -18.60 -6.57
CA THR A 162 16.81 -18.37 -8.00
C THR A 162 16.14 -17.07 -8.45
N VAL A 163 15.33 -16.44 -7.60
CA VAL A 163 14.76 -15.15 -7.90
C VAL A 163 15.34 -14.05 -7.01
N PHE A 164 16.45 -14.35 -6.33
CA PHE A 164 17.10 -13.36 -5.46
C PHE A 164 18.08 -12.52 -6.28
N ASN A 165 17.99 -11.20 -6.14
CA ASN A 165 18.88 -10.26 -6.83
C ASN A 165 19.87 -9.77 -5.78
N ALA A 166 21.10 -10.23 -5.88
CA ALA A 166 22.09 -9.94 -4.85
C ALA A 166 22.47 -8.48 -4.83
N GLU A 167 22.34 -7.78 -5.95
CA GLU A 167 22.80 -6.39 -6.01
C GLU A 167 21.83 -5.48 -5.27
N THR A 168 20.54 -5.80 -5.30
CA THR A 168 19.51 -4.97 -4.70
C THR A 168 18.92 -5.56 -3.43
N GLY A 169 19.38 -6.74 -3.03
CA GLY A 169 18.85 -7.41 -1.84
C GLY A 169 17.37 -7.68 -1.91
N THR A 170 16.90 -8.18 -3.05
CA THR A 170 15.46 -8.26 -3.34
C THR A 170 15.15 -9.63 -3.92
N TRP A 171 14.08 -10.23 -3.44
CA TRP A 171 13.53 -11.43 -4.06
C TRP A 171 12.44 -10.98 -5.02
N GLU A 172 12.66 -11.23 -6.31
CA GLU A 172 11.79 -10.75 -7.38
C GLU A 172 10.78 -11.84 -7.72
N CYS A 173 9.56 -11.72 -7.19
CA CYS A 173 8.53 -12.75 -7.31
C CYS A 173 7.44 -12.27 -8.27
N GLY A 174 7.80 -12.17 -9.54
CA GLY A 174 6.87 -11.66 -10.51
C GLY A 174 6.57 -10.20 -10.26
N ARG A 175 5.30 -9.89 -10.08
CA ARG A 175 4.87 -8.52 -9.81
C ARG A 175 5.05 -8.13 -8.34
N LEU A 176 5.53 -9.04 -7.52
CA LEU A 176 5.71 -8.83 -6.10
C LEU A 176 7.18 -8.96 -5.75
N SER A 177 7.68 -8.07 -4.89
CA SER A 177 9.07 -8.09 -4.46
C SER A 177 9.16 -7.96 -2.95
N TYR A 178 10.08 -8.72 -2.36
CA TYR A 178 10.49 -8.59 -0.97
C TYR A 178 11.88 -7.99 -0.92
N CYS A 179 12.01 -6.85 -0.26
CA CYS A 179 13.24 -6.08 -0.25
C CYS A 179 13.80 -6.01 1.17
N LEU A 180 15.06 -6.39 1.32
CA LEU A 180 15.76 -6.14 2.56
C LEU A 180 15.92 -4.64 2.77
N GLU A 181 15.78 -4.22 4.02
CA GLU A 181 15.75 -2.78 4.28
C GLU A 181 17.15 -2.20 4.36
N ASP A 182 17.98 -2.70 5.28
CA ASP A 182 19.32 -2.17 5.51
C ASP A 182 19.33 -0.66 5.75
N GLN A 188 26.40 -5.58 5.25
CA GLN A 188 27.47 -6.13 6.06
C GLN A 188 26.95 -6.74 7.36
N GLN A 189 26.09 -6.01 8.06
CA GLN A 189 25.54 -6.51 9.31
C GLN A 189 24.41 -7.51 9.08
N LEU A 190 23.78 -7.49 7.88
CA LEU A 190 22.77 -8.47 7.57
C LEU A 190 23.38 -9.82 7.18
N LEU A 191 24.67 -9.85 6.85
CA LEU A 191 25.38 -11.13 6.69
C LEU A 191 25.57 -11.84 8.03
N LEU A 192 25.08 -11.24 9.11
CA LEU A 192 25.05 -11.88 10.43
C LEU A 192 23.84 -12.78 10.59
N GLU A 193 22.80 -12.61 9.77
CA GLU A 193 21.62 -13.45 9.82
C GLU A 193 21.86 -14.67 8.93
N PRO A 194 21.92 -15.87 9.49
CA PRO A 194 22.28 -17.04 8.66
C PRO A 194 21.45 -17.16 7.39
N MET A 195 20.16 -16.83 7.47
CA MET A 195 19.28 -16.89 6.31
C MET A 195 19.77 -16.00 5.17
N LEU A 196 20.16 -14.76 5.48
CA LEU A 196 20.60 -13.84 4.44
C LEU A 196 21.98 -14.20 3.92
N LYS A 197 22.90 -14.56 4.82
CA LYS A 197 24.21 -15.04 4.39
C LYS A 197 24.08 -16.27 3.50
N PHE A 198 23.07 -17.10 3.75
CA PHE A 198 22.86 -18.26 2.89
C PHE A 198 22.52 -17.81 1.47
N HIS A 199 21.57 -16.88 1.33
CA HIS A 199 21.12 -16.52 -0.01
C HIS A 199 22.22 -15.80 -0.79
N TYR A 200 22.97 -14.91 -0.12
CA TYR A 200 24.07 -14.25 -0.79
C TYR A 200 25.17 -15.24 -1.21
N MET A 201 25.51 -16.21 -0.35
CA MET A 201 26.58 -17.14 -0.69
C MET A 201 26.19 -18.09 -1.82
N LEU A 202 24.99 -18.68 -1.73
CA LEU A 202 24.53 -19.57 -2.79
C LEU A 202 24.45 -18.83 -4.11
N LYS A 203 23.92 -17.60 -4.09
CA LYS A 203 23.81 -16.82 -5.33
C LYS A 203 25.19 -16.61 -5.96
N LYS A 204 26.18 -16.30 -5.13
CA LYS A 204 27.54 -16.07 -5.59
C LYS A 204 28.13 -17.29 -6.30
N LEU A 205 27.61 -18.50 -6.07
CA LEU A 205 28.16 -19.67 -6.78
C LEU A 205 27.72 -19.71 -8.24
N GLN A 206 26.70 -18.94 -8.61
CA GLN A 206 26.22 -18.84 -9.99
C GLN A 206 25.89 -20.20 -10.59
N LEU A 207 25.01 -20.93 -9.92
CA LEU A 207 24.67 -22.28 -10.33
C LEU A 207 23.73 -22.27 -11.54
N HIS A 208 23.79 -23.37 -12.30
CA HIS A 208 22.87 -23.64 -13.39
C HIS A 208 21.52 -24.12 -12.84
N GLU A 209 20.48 -24.03 -13.68
CA GLU A 209 19.19 -24.60 -13.29
C GLU A 209 19.32 -26.06 -12.90
N GLU A 210 20.13 -26.82 -13.65
CA GLU A 210 20.30 -28.24 -13.38
C GLU A 210 20.91 -28.48 -12.01
N GLU A 211 21.77 -27.56 -11.56
CA GLU A 211 22.44 -27.75 -10.28
C GLU A 211 21.51 -27.40 -9.13
N TYR A 212 20.66 -26.39 -9.31
CA TYR A 212 19.64 -26.12 -8.31
C TYR A 212 18.70 -27.31 -8.17
N VAL A 213 18.25 -27.91 -9.28
CA VAL A 213 17.24 -28.96 -9.11
C VAL A 213 17.88 -30.21 -8.52
N LEU A 214 19.18 -30.42 -8.74
CA LEU A 214 19.86 -31.51 -8.06
C LEU A 214 20.03 -31.19 -6.59
N MET A 215 20.22 -29.91 -6.24
CA MET A 215 20.26 -29.57 -4.82
C MET A 215 18.93 -29.86 -4.16
N GLN A 216 17.84 -29.58 -4.87
CA GLN A 216 16.49 -29.86 -4.35
C GLN A 216 16.32 -31.35 -4.12
N ALA A 217 16.78 -32.16 -5.06
CA ALA A 217 16.65 -33.60 -4.92
C ALA A 217 17.47 -34.11 -3.74
N ILE A 218 18.72 -33.64 -3.60
CA ILE A 218 19.58 -34.14 -2.52
C ILE A 218 18.98 -33.79 -1.17
N SER A 219 18.51 -32.55 -1.02
CA SER A 219 17.80 -32.15 0.20
C SER A 219 16.53 -32.99 0.40
N LEU A 220 15.74 -33.17 -0.66
CA LEU A 220 14.46 -33.87 -0.50
C LEU A 220 14.66 -35.33 -0.06
N PHE A 221 15.63 -36.01 -0.66
CA PHE A 221 15.90 -37.42 -0.33
C PHE A 221 16.94 -37.56 0.77
N SER A 222 16.77 -36.80 1.85
CA SER A 222 17.65 -36.94 3.00
C SER A 222 17.18 -38.10 3.87
N PRO A 223 18.01 -39.10 4.12
CA PRO A 223 17.55 -40.27 4.89
C PRO A 223 17.30 -39.99 6.35
N ASP A 224 17.87 -38.91 6.91
CA ASP A 224 17.86 -38.72 8.36
C ASP A 224 16.78 -37.76 8.83
N ARG A 225 15.71 -37.62 8.08
CA ARG A 225 14.63 -36.81 8.61
C ARG A 225 13.85 -37.63 9.64
N PRO A 226 13.19 -36.97 10.59
CA PRO A 226 12.40 -37.72 11.58
C PRO A 226 11.32 -38.54 10.90
N GLY A 227 11.15 -39.78 11.37
CA GLY A 227 10.06 -40.63 10.93
C GLY A 227 10.33 -41.44 9.68
N VAL A 228 11.45 -41.18 8.98
CA VAL A 228 11.74 -41.95 7.78
C VAL A 228 12.00 -43.40 8.18
N LEU A 229 11.32 -44.33 7.51
CA LEU A 229 11.49 -45.77 7.74
C LEU A 229 12.49 -46.42 6.80
N GLN A 230 12.39 -46.18 5.50
CA GLN A 230 13.27 -46.82 4.52
C GLN A 230 14.58 -46.04 4.40
N HIS A 231 15.37 -46.07 5.47
CA HIS A 231 16.56 -45.22 5.52
C HIS A 231 17.54 -45.59 4.42
N ARG A 232 17.77 -46.89 4.21
CA ARG A 232 18.77 -47.35 3.26
C ARG A 232 18.34 -47.08 1.82
N VAL A 233 17.07 -47.34 1.50
CA VAL A 233 16.54 -47.02 0.18
C VAL A 233 16.68 -45.52 -0.10
N VAL A 234 16.33 -44.66 0.86
CA VAL A 234 16.41 -43.21 0.63
C VAL A 234 17.87 -42.76 0.57
N ASP A 235 18.73 -43.34 1.42
CA ASP A 235 20.14 -42.98 1.39
C ASP A 235 20.75 -43.28 0.03
N GLN A 236 20.35 -44.40 -0.58
CA GLN A 236 20.94 -44.78 -1.86
C GLN A 236 20.46 -43.86 -2.97
N LEU A 237 19.17 -43.49 -2.93
CA LEU A 237 18.66 -42.50 -3.89
C LEU A 237 19.38 -41.17 -3.73
N GLN A 238 19.56 -40.70 -2.50
CA GLN A 238 20.30 -39.45 -2.32
C GLN A 238 21.69 -39.54 -2.93
N GLU A 239 22.38 -40.66 -2.69
CA GLU A 239 23.75 -40.81 -3.18
C GLU A 239 23.77 -40.78 -4.70
N GLN A 240 22.78 -41.38 -5.35
CA GLN A 240 22.74 -41.30 -6.80
C GLN A 240 22.49 -39.88 -7.29
N PHE A 241 21.70 -39.08 -6.57
CA PHE A 241 21.56 -37.67 -6.95
C PHE A 241 22.87 -36.93 -6.73
N ALA A 242 23.57 -37.22 -5.63
CA ALA A 242 24.84 -36.53 -5.37
C ALA A 242 25.87 -36.90 -6.42
N ILE A 243 25.95 -38.19 -6.78
CA ILE A 243 26.89 -38.62 -7.81
C ILE A 243 26.58 -37.95 -9.14
N THR A 244 25.30 -37.88 -9.51
CA THR A 244 24.90 -37.18 -10.73
C THR A 244 25.34 -35.71 -10.72
N LEU A 245 25.15 -35.03 -9.58
CA LEU A 245 25.59 -33.63 -9.45
C LEU A 245 27.10 -33.49 -9.62
N LYS A 246 27.86 -34.29 -8.87
CA LYS A 246 29.31 -34.29 -8.98
C LYS A 246 29.79 -34.50 -10.41
N SER A 247 29.19 -35.46 -11.13
CA SER A 247 29.58 -35.70 -12.53
C SER A 247 29.13 -34.60 -13.47
N TYR A 248 27.95 -34.01 -13.25
CA TYR A 248 27.52 -32.87 -14.05
C TYR A 248 28.57 -31.77 -14.01
N ILE A 249 29.06 -31.47 -12.81
CA ILE A 249 30.06 -30.42 -12.62
C ILE A 249 31.38 -30.81 -13.28
N GLU A 250 31.80 -32.06 -13.11
CA GLU A 250 33.00 -32.55 -13.77
C GLU A 250 32.92 -32.37 -15.29
N CYS A 251 31.76 -32.66 -15.88
CA CYS A 251 31.63 -32.66 -17.34
C CYS A 251 31.32 -31.30 -17.94
N ASN A 252 30.63 -30.41 -17.22
CA ASN A 252 30.23 -29.14 -17.79
C ASN A 252 31.02 -27.94 -17.30
N ARG A 253 31.81 -28.08 -16.26
CA ARG A 253 32.46 -26.84 -15.96
C ARG A 253 33.96 -26.92 -16.21
N PRO A 254 34.58 -25.79 -16.59
CA PRO A 254 36.00 -25.78 -17.01
C PRO A 254 37.00 -26.40 -16.05
N GLN A 255 36.92 -27.72 -15.84
CA GLN A 255 37.66 -28.55 -14.87
C GLN A 255 38.29 -27.73 -13.72
N PRO A 256 39.50 -27.15 -13.81
CA PRO A 256 40.02 -26.41 -12.65
C PRO A 256 39.19 -25.16 -12.38
N ALA A 257 39.42 -24.56 -11.20
CA ALA A 257 38.67 -23.41 -10.71
C ALA A 257 37.25 -23.79 -10.26
N HIS A 258 36.63 -24.77 -10.91
CA HIS A 258 35.41 -25.37 -10.37
C HIS A 258 35.72 -26.70 -9.69
N ARG A 259 37.00 -26.88 -9.38
CA ARG A 259 37.52 -28.08 -8.74
C ARG A 259 36.72 -28.50 -7.51
N PHE A 260 36.37 -27.55 -6.63
CA PHE A 260 35.67 -27.88 -5.40
C PHE A 260 34.22 -27.37 -5.39
N LEU A 261 33.65 -27.06 -6.54
CA LEU A 261 32.27 -26.56 -6.59
C LEU A 261 31.30 -27.54 -5.95
N PHE A 262 31.42 -28.84 -6.25
CA PHE A 262 30.53 -29.83 -5.64
C PHE A 262 30.55 -29.74 -4.12
N LEU A 263 31.75 -29.71 -3.54
CA LEU A 263 31.88 -29.68 -2.08
C LEU A 263 31.33 -28.39 -1.51
N LYS A 264 31.48 -27.26 -2.21
CA LYS A 264 30.86 -26.02 -1.76
C LYS A 264 29.34 -26.16 -1.75
N ILE A 265 28.79 -26.77 -2.79
CA ILE A 265 27.35 -27.01 -2.83
C ILE A 265 26.93 -27.85 -1.63
N MET A 266 27.68 -28.92 -1.35
CA MET A 266 27.31 -29.81 -0.25
C MET A 266 27.35 -29.06 1.08
N ALA A 267 28.33 -28.16 1.26
CA ALA A 267 28.41 -27.39 2.49
C ALA A 267 27.24 -26.41 2.61
N MET A 268 26.81 -25.82 1.49
CA MET A 268 25.61 -24.98 1.53
C MET A 268 24.37 -25.78 1.94
N LEU A 269 24.28 -27.04 1.51
CA LEU A 269 23.14 -27.88 1.90
C LEU A 269 23.15 -28.16 3.39
N THR A 270 24.33 -28.45 3.94
CA THR A 270 24.45 -28.64 5.38
C THR A 270 24.00 -27.39 6.14
N GLU A 271 24.46 -26.22 5.68
CA GLU A 271 24.05 -24.96 6.30
C GLU A 271 22.55 -24.75 6.18
N LEU A 272 21.98 -25.15 5.05
CA LEU A 272 20.52 -25.05 4.86
C LEU A 272 19.76 -25.92 5.86
N ARG A 273 20.29 -27.12 6.16
CA ARG A 273 19.67 -27.95 7.19
C ARG A 273 19.61 -27.23 8.53
N SER A 274 20.69 -26.52 8.89
CA SER A 274 20.70 -25.85 10.19
C SER A 274 19.77 -24.64 10.20
N ILE A 275 19.71 -23.91 9.08
CA ILE A 275 18.77 -22.80 8.97
C ILE A 275 17.33 -23.30 9.07
N ASN A 276 17.07 -24.48 8.51
CA ASN A 276 15.76 -25.09 8.59
C ASN A 276 15.39 -25.36 10.05
N ALA A 277 16.34 -25.88 10.84
CA ALA A 277 16.09 -26.16 12.26
C ALA A 277 15.83 -24.87 13.04
N GLN A 278 16.63 -23.84 12.78
CA GLN A 278 16.47 -22.55 13.49
C GLN A 278 15.12 -21.93 13.17
N HIS A 279 14.68 -22.06 11.92
N HIS A 279 14.69 -22.04 11.91
CA HIS A 279 13.39 -21.43 11.51
CA HIS A 279 13.39 -21.45 11.51
C HIS A 279 12.20 -22.21 12.07
C HIS A 279 12.24 -22.21 12.17
N THR A 280 12.31 -23.54 12.11
CA THR A 280 11.23 -24.35 12.72
C THR A 280 11.06 -23.88 14.18
N GLN A 281 12.16 -23.75 14.93
CA GLN A 281 12.03 -23.29 16.32
C GLN A 281 11.45 -21.89 16.37
N ARG A 282 11.91 -21.03 15.47
CA ARG A 282 11.40 -19.66 15.36
C ARG A 282 9.90 -19.67 15.09
N LEU A 283 9.46 -20.43 14.09
CA LEU A 283 8.05 -20.41 13.75
C LEU A 283 7.19 -20.92 14.90
N LEU A 284 7.66 -21.96 15.59
CA LEU A 284 6.89 -22.54 16.68
C LEU A 284 6.70 -21.56 17.84
N ARG A 285 7.76 -20.79 18.17
CA ARG A 285 7.65 -19.77 19.22
C ARG A 285 6.67 -18.68 18.84
N ILE A 286 6.73 -18.23 17.59
CA ILE A 286 5.81 -17.19 17.13
C ILE A 286 4.38 -17.72 17.14
N GLN A 287 4.18 -18.91 16.56
CA GLN A 287 2.86 -19.53 16.53
C GLN A 287 2.26 -19.65 17.92
N ASP A 288 3.10 -19.90 18.93
CA ASP A 288 2.59 -20.13 20.28
C ASP A 288 1.90 -18.89 20.83
N ILE A 289 2.50 -17.71 20.66
CA ILE A 289 1.90 -16.50 21.20
C ILE A 289 1.09 -15.71 20.18
N HIS A 290 1.22 -16.03 18.89
CA HIS A 290 0.43 -15.35 17.86
C HIS A 290 0.17 -16.32 16.72
N PRO A 291 -0.91 -17.10 16.80
CA PRO A 291 -1.19 -18.09 15.74
C PRO A 291 -1.34 -17.42 14.39
N PHE A 292 -0.70 -18.00 13.37
CA PHE A 292 -0.79 -17.47 12.01
C PHE A 292 -0.65 -18.56 10.93
N ALA A 293 -0.14 -19.74 11.29
CA ALA A 293 0.15 -20.75 10.28
C ALA A 293 -1.14 -21.31 9.67
N THR A 294 -1.13 -21.52 8.34
CA THR A 294 -2.26 -22.12 7.64
C THR A 294 -2.37 -23.60 8.02
N PRO A 295 -3.49 -24.25 7.70
CA PRO A 295 -3.57 -25.70 7.99
C PRO A 295 -2.45 -26.53 7.38
N LEU A 296 -2.08 -26.28 6.11
CA LEU A 296 -0.96 -27.04 5.53
C LEU A 296 0.34 -26.79 6.27
N MET A 297 0.60 -25.53 6.65
CA MET A 297 1.79 -25.24 7.44
C MET A 297 1.76 -25.97 8.78
N GLN A 298 0.58 -26.04 9.40
CA GLN A 298 0.45 -26.79 10.66
C GLN A 298 0.91 -28.23 10.49
N GLU A 299 0.48 -28.88 9.41
CA GLU A 299 0.89 -30.26 9.16
C GLU A 299 2.39 -30.35 8.93
N LEU A 300 2.92 -29.49 8.06
CA LEU A 300 4.33 -29.57 7.72
C LEU A 300 5.22 -29.32 8.94
N PHE A 301 4.80 -28.41 9.82
CA PHE A 301 5.66 -28.01 10.92
C PHE A 301 5.33 -28.69 12.25
N GLY A 302 4.38 -29.62 12.28
CA GLY A 302 4.07 -30.32 13.51
C GLY A 302 3.26 -29.52 14.50
N ILE A 303 2.40 -28.64 14.01
CA ILE A 303 1.58 -27.79 14.86
C ILE A 303 0.27 -28.52 15.10
N THR A 304 -0.04 -28.78 16.37
CA THR A 304 -1.25 -29.54 16.70
C THR A 304 -2.41 -28.63 17.03
N SER A 318 -2.56 -39.79 15.74
CA SER A 318 -2.31 -41.23 15.85
C SER A 318 -1.23 -41.68 14.86
N SER A 319 -1.64 -42.07 13.66
CA SER A 319 -0.71 -42.45 12.60
C SER A 319 -0.26 -41.21 11.82
N LEU A 320 0.88 -41.35 11.14
CA LEU A 320 1.45 -40.23 10.39
C LEU A 320 0.49 -39.72 9.32
N THR A 321 -0.30 -40.62 8.73
CA THR A 321 -1.32 -40.20 7.78
C THR A 321 -2.44 -39.43 8.46
N GLU A 322 -2.99 -39.97 9.55
CA GLU A 322 -4.10 -39.32 10.23
C GLU A 322 -3.71 -37.97 10.81
N ARG A 323 -2.44 -37.77 11.13
CA ARG A 323 -1.98 -36.47 11.57
C ARG A 323 -1.59 -35.56 10.41
N HIS A 324 -1.79 -35.98 9.16
CA HIS A 324 -1.38 -35.17 8.01
C HIS A 324 -2.37 -35.33 6.86
N LYS A 325 -3.65 -35.06 7.14
CA LYS A 325 -4.70 -35.37 6.17
C LYS A 325 -4.62 -34.49 4.93
N ILE A 326 -4.18 -33.25 5.06
CA ILE A 326 -4.04 -32.41 3.87
C ILE A 326 -2.90 -32.93 3.00
N LEU A 327 -1.72 -33.11 3.61
CA LEU A 327 -0.58 -33.65 2.89
C LEU A 327 -0.93 -34.95 2.20
N HIS A 328 -1.61 -35.84 2.92
CA HIS A 328 -2.02 -37.11 2.35
C HIS A 328 -2.89 -36.91 1.12
N ARG A 329 -3.85 -35.99 1.22
CA ARG A 329 -4.74 -35.70 0.09
C ARG A 329 -3.94 -35.17 -1.09
N LEU A 330 -3.10 -34.16 -0.83
CA LEU A 330 -2.33 -33.53 -1.89
C LEU A 330 -1.44 -34.54 -2.61
N LEU A 331 -1.04 -35.62 -1.93
CA LEU A 331 -0.17 -36.61 -2.55
C LEU A 331 -0.93 -37.70 -3.31
N GLN A 332 -2.26 -37.71 -3.27
CA GLN A 332 -3.04 -38.57 -4.14
C GLN A 332 -4.09 -37.78 -4.92
N GLY B 14 -7.90 48.43 18.13
CA GLY B 14 -8.58 47.22 18.60
C GLY B 14 -9.85 46.92 17.82
N LEU B 15 -10.21 45.65 17.75
CA LEU B 15 -11.49 45.30 17.15
C LEU B 15 -12.64 45.73 18.05
N THR B 16 -13.80 45.97 17.44
CA THR B 16 -15.00 46.17 18.24
C THR B 16 -15.39 44.86 18.92
N GLU B 17 -16.36 44.97 19.82
CA GLU B 17 -16.85 43.80 20.53
C GLU B 17 -17.60 42.86 19.60
N GLU B 18 -18.38 43.41 18.67
CA GLU B 18 -19.04 42.56 17.70
C GLU B 18 -18.03 41.85 16.82
N GLN B 19 -16.92 42.52 16.51
CA GLN B 19 -15.92 41.89 15.64
C GLN B 19 -15.17 40.79 16.37
N ARG B 20 -14.75 41.07 17.61
CA ARG B 20 -14.15 40.04 18.45
C ARG B 20 -15.08 38.83 18.60
N MET B 21 -16.37 39.10 18.84
CA MET B 21 -17.32 38.02 19.04
C MET B 21 -17.50 37.22 17.76
N MET B 22 -17.53 37.91 16.62
CA MET B 22 -17.62 37.26 15.32
C MET B 22 -16.43 36.36 15.04
N ILE B 23 -15.23 36.82 15.36
CA ILE B 23 -14.06 35.97 15.09
C ILE B 23 -14.08 34.77 16.03
N ARG B 24 -14.46 34.98 17.29
CA ARG B 24 -14.56 33.88 18.24
C ARG B 24 -15.50 32.81 17.74
N GLU B 25 -16.67 33.20 17.19
CA GLU B 25 -17.65 32.20 16.77
C GLU B 25 -17.16 31.42 15.56
N LEU B 26 -16.59 32.12 14.57
CA LEU B 26 -16.02 31.45 13.40
C LEU B 26 -14.95 30.45 13.81
N MET B 27 -14.07 30.84 14.75
CA MET B 27 -12.95 29.99 15.14
C MET B 27 -13.46 28.78 15.92
N ASP B 28 -14.45 29.01 16.77
CA ASP B 28 -15.08 27.90 17.47
C ASP B 28 -15.69 26.92 16.48
N ALA B 29 -16.36 27.45 15.44
CA ALA B 29 -16.96 26.58 14.42
C ALA B 29 -15.90 25.80 13.66
N GLN B 30 -14.80 26.47 13.30
CA GLN B 30 -13.70 25.80 12.60
C GLN B 30 -13.17 24.64 13.44
N MET B 31 -12.90 24.89 14.73
CA MET B 31 -12.37 23.84 15.58
C MET B 31 -13.35 22.68 15.74
N LYS B 32 -14.67 22.95 15.75
CA LYS B 32 -15.61 21.85 15.92
C LYS B 32 -15.82 21.02 14.67
N THR B 33 -15.46 21.52 13.50
CA THR B 33 -15.93 20.90 12.27
C THR B 33 -14.81 20.63 11.27
N PHE B 34 -13.56 20.93 11.61
CA PHE B 34 -12.41 20.66 10.75
C PHE B 34 -11.57 19.63 11.49
N ASP B 35 -11.67 18.37 11.04
CA ASP B 35 -10.91 17.24 11.55
C ASP B 35 -9.51 17.31 10.93
N THR B 36 -8.67 18.17 11.50
CA THR B 36 -7.39 18.49 10.86
C THR B 36 -6.44 17.29 10.86
N THR B 37 -6.62 16.33 11.76
CA THR B 37 -5.85 15.10 11.71
C THR B 37 -6.52 14.01 10.89
N PHE B 38 -7.73 14.28 10.34
CA PHE B 38 -8.44 13.33 9.49
C PHE B 38 -8.67 11.98 10.20
N SER B 39 -8.85 12.04 11.52
CA SER B 39 -8.91 10.81 12.31
C SER B 39 -10.17 10.02 12.02
N HIS B 40 -11.23 10.69 11.60
CA HIS B 40 -12.51 10.06 11.39
C HIS B 40 -12.82 9.84 9.91
N PHE B 41 -11.85 10.10 9.03
CA PHE B 41 -11.94 9.76 7.62
C PHE B 41 -11.55 8.29 7.44
N LYS B 42 -12.54 7.41 7.30
CA LYS B 42 -12.33 5.98 7.21
C LYS B 42 -13.21 5.40 6.09
N ASN B 43 -13.07 4.10 5.87
CA ASN B 43 -13.88 3.35 4.90
C ASN B 43 -13.80 3.91 3.47
N PHE B 44 -12.71 4.60 3.15
CA PHE B 44 -12.57 5.13 1.80
C PHE B 44 -12.06 4.07 0.84
N ARG B 45 -12.20 4.34 -0.45
CA ARG B 45 -11.65 3.46 -1.47
C ARG B 45 -10.19 3.78 -1.72
N LEU B 46 -9.46 2.79 -2.20
CA LEU B 46 -8.05 2.90 -2.57
C LEU B 46 -7.88 2.29 -3.95
N PRO B 47 -6.93 2.78 -4.74
CA PRO B 47 -6.65 2.14 -6.02
C PRO B 47 -6.27 0.69 -5.82
N GLY B 48 -6.88 -0.20 -6.63
CA GLY B 48 -6.67 -1.62 -6.55
C GLY B 48 -5.21 -2.04 -6.51
N VAL B 49 -4.93 -3.24 -6.03
CA VAL B 49 -3.56 -3.67 -5.77
C VAL B 49 -2.98 -4.47 -6.93
N SER B 64 -14.41 7.86 -31.93
CA SER B 64 -13.24 8.23 -32.72
C SER B 64 -13.53 9.50 -33.52
N ARG B 65 -14.53 10.26 -33.10
CA ARG B 65 -14.85 11.55 -33.70
C ARG B 65 -14.56 12.65 -32.67
N GLU B 66 -15.60 13.30 -32.16
CA GLU B 66 -15.40 14.23 -31.05
C GLU B 66 -14.93 13.53 -29.79
N GLU B 67 -15.03 12.20 -29.72
CA GLU B 67 -14.51 11.48 -28.55
C GLU B 67 -12.99 11.53 -28.49
N ALA B 68 -12.31 11.75 -29.62
CA ALA B 68 -10.87 11.97 -29.59
C ALA B 68 -10.53 13.25 -28.84
N ALA B 69 -11.29 14.33 -29.09
CA ALA B 69 -11.06 15.60 -28.42
C ALA B 69 -11.53 15.57 -26.97
N LYS B 70 -12.57 14.80 -26.66
CA LYS B 70 -13.03 14.68 -25.28
C LYS B 70 -11.97 14.00 -24.42
N TRP B 71 -11.34 12.94 -24.95
CA TRP B 71 -10.34 12.22 -24.19
C TRP B 71 -9.06 13.04 -24.04
N SER B 72 -8.64 13.74 -25.10
CA SER B 72 -7.46 14.58 -25.02
C SER B 72 -7.60 15.63 -23.93
N GLN B 73 -8.77 16.25 -23.80
CA GLN B 73 -9.01 17.23 -22.75
C GLN B 73 -8.96 16.58 -21.36
N VAL B 74 -9.69 15.47 -21.18
CA VAL B 74 -9.76 14.84 -19.87
C VAL B 74 -8.38 14.34 -19.44
N ARG B 75 -7.55 13.93 -20.40
CA ARG B 75 -6.18 13.56 -20.08
C ARG B 75 -5.37 14.75 -19.58
N LYS B 76 -5.51 15.91 -20.22
CA LYS B 76 -4.90 17.14 -19.69
C LYS B 76 -5.46 17.46 -18.32
N ASP B 77 -6.77 17.27 -18.13
CA ASP B 77 -7.41 17.61 -16.87
C ASP B 77 -6.88 16.78 -15.71
N LEU B 78 -6.70 15.47 -15.93
CA LEU B 78 -6.26 14.59 -14.84
C LEU B 78 -4.76 14.69 -14.61
N CYS B 79 -3.98 14.94 -15.66
CA CYS B 79 -2.53 15.02 -15.52
C CYS B 79 -2.13 16.18 -14.63
N SER B 80 -2.89 17.27 -14.66
CA SER B 80 -2.63 18.39 -13.77
C SER B 80 -2.94 18.01 -12.32
N LEU B 81 -3.85 17.06 -12.11
CA LEU B 81 -4.28 16.65 -10.77
C LEU B 81 -3.52 15.43 -10.26
N LYS B 82 -2.26 15.24 -10.63
CA LYS B 82 -1.54 13.99 -10.41
C LYS B 82 -0.74 14.02 -9.12
N VAL B 83 -1.08 13.12 -8.19
CA VAL B 83 -0.38 12.97 -6.92
C VAL B 83 -0.16 11.50 -6.62
N SER B 84 0.90 11.23 -5.86
CA SER B 84 1.09 9.99 -5.15
C SER B 84 0.45 10.08 -3.76
N LEU B 85 0.23 8.92 -3.15
CA LEU B 85 -0.56 8.80 -1.91
C LEU B 85 0.22 8.03 -0.86
N GLN B 86 0.23 8.52 0.36
CA GLN B 86 0.90 7.85 1.46
C GLN B 86 -0.07 7.61 2.61
N LEU B 87 0.01 6.42 3.20
CA LEU B 87 -0.86 6.02 4.31
C LEU B 87 -0.01 5.45 5.45
N ARG B 88 0.14 6.23 6.52
CA ARG B 88 0.94 5.79 7.67
C ARG B 88 0.04 5.04 8.64
N GLY B 89 0.41 3.80 8.96
CA GLY B 89 -0.30 3.05 9.98
C GLY B 89 0.02 3.57 11.37
N GLU B 90 -0.92 3.33 12.29
CA GLU B 90 -0.72 3.70 13.70
C GLU B 90 0.60 3.18 14.26
N ASP B 91 1.18 2.14 13.66
CA ASP B 91 2.34 1.44 14.19
C ASP B 91 3.68 2.00 13.71
N GLY B 92 3.68 2.91 12.74
CA GLY B 92 4.89 3.30 12.05
C GLY B 92 5.00 2.76 10.64
N SER B 93 4.20 1.75 10.28
CA SER B 93 4.23 1.21 8.94
C SER B 93 3.71 2.23 7.92
N VAL B 94 4.18 2.12 6.69
CA VAL B 94 3.81 3.06 5.63
C VAL B 94 3.46 2.31 4.36
N TRP B 95 2.27 2.58 3.81
CA TRP B 95 1.91 2.16 2.46
C TRP B 95 2.08 3.35 1.52
N ASN B 96 2.74 3.14 0.39
CA ASN B 96 2.92 4.19 -0.60
C ASN B 96 2.33 3.75 -1.94
N TYR B 97 1.58 4.66 -2.58
CA TYR B 97 1.00 4.38 -3.89
C TYR B 97 1.52 5.38 -4.92
N LYS B 98 2.26 4.88 -5.93
CA LYS B 98 2.62 5.72 -7.06
C LYS B 98 1.73 5.43 -8.25
N PRO B 99 1.09 6.43 -8.84
CA PRO B 99 0.14 6.20 -9.95
C PRO B 99 0.88 5.74 -11.20
N PRO B 100 0.17 5.16 -12.16
CA PRO B 100 0.82 4.80 -13.42
C PRO B 100 1.33 6.05 -14.12
N ALA B 101 2.50 5.94 -14.73
CA ALA B 101 3.15 7.09 -15.35
C ALA B 101 2.51 7.50 -16.68
N ASP B 102 1.55 6.75 -17.21
CA ASP B 102 1.09 6.96 -18.57
C ASP B 102 -0.13 7.87 -18.59
N SER B 103 -0.75 8.02 -19.77
CA SER B 103 -1.97 8.78 -19.98
C SER B 103 -2.64 8.33 -21.27
N GLY B 104 -3.43 7.26 -21.21
CA GLY B 104 -4.05 6.73 -22.41
C GLY B 104 -4.79 5.43 -22.16
N GLY B 105 -5.87 5.51 -21.40
CA GLY B 105 -6.63 4.35 -20.98
C GLY B 105 -7.09 4.49 -19.54
N LYS B 106 -7.92 3.52 -19.14
CA LYS B 106 -8.55 3.56 -17.82
C LYS B 106 -7.57 3.61 -16.66
N GLU B 107 -6.25 3.59 -16.95
CA GLU B 107 -5.27 3.65 -15.87
C GLU B 107 -5.22 5.03 -15.23
N ILE B 108 -5.56 6.07 -15.99
CA ILE B 108 -5.48 7.45 -15.49
C ILE B 108 -6.57 7.78 -14.48
N PHE B 109 -7.54 6.89 -14.29
CA PHE B 109 -8.66 7.14 -13.39
C PHE B 109 -8.53 6.39 -12.07
N SER B 110 -7.36 5.83 -11.75
CA SER B 110 -7.27 4.89 -10.65
C SER B 110 -7.41 5.55 -9.27
N LEU B 111 -7.16 6.85 -9.15
CA LEU B 111 -7.33 7.53 -7.87
C LEU B 111 -8.68 8.24 -7.74
N LEU B 112 -9.51 8.21 -8.77
CA LEU B 112 -10.77 8.96 -8.72
C LEU B 112 -11.72 8.48 -7.62
N PRO B 113 -11.96 7.17 -7.40
CA PRO B 113 -12.80 6.80 -6.26
C PRO B 113 -12.28 7.35 -4.94
N HIS B 114 -10.97 7.23 -4.70
CA HIS B 114 -10.41 7.75 -3.46
C HIS B 114 -10.60 9.26 -3.35
N MET B 115 -10.25 9.98 -4.42
CA MET B 115 -10.42 11.44 -4.42
C MET B 115 -11.87 11.82 -4.14
N ALA B 116 -12.81 11.04 -4.68
CA ALA B 116 -14.22 11.36 -4.44
C ALA B 116 -14.59 11.18 -2.97
N ASP B 117 -14.06 10.13 -2.32
CA ASP B 117 -14.33 9.92 -0.90
C ASP B 117 -13.71 11.00 -0.03
N MET B 118 -12.43 11.34 -0.27
CA MET B 118 -11.81 12.43 0.47
C MET B 118 -12.62 13.72 0.29
N SER B 119 -12.93 14.07 -0.96
CA SER B 119 -13.68 15.31 -1.21
C SER B 119 -14.99 15.30 -0.46
N THR B 120 -15.71 14.17 -0.51
CA THR B 120 -17.00 14.04 0.16
C THR B 120 -16.87 14.24 1.67
N TYR B 121 -15.87 13.60 2.29
CA TYR B 121 -15.59 13.84 3.71
C TYR B 121 -15.34 15.33 4.00
N MET B 122 -14.50 15.98 3.18
CA MET B 122 -14.24 17.40 3.41
C MET B 122 -15.51 18.23 3.27
N PHE B 123 -16.34 17.92 2.27
CA PHE B 123 -17.57 18.67 2.05
C PHE B 123 -18.51 18.52 3.24
N LYS B 124 -18.56 17.34 3.84
CA LYS B 124 -19.41 17.18 5.02
C LYS B 124 -18.90 18.03 6.18
N GLY B 125 -17.59 18.20 6.30
CA GLY B 125 -17.08 19.08 7.35
C GLY B 125 -17.44 20.54 7.11
N ILE B 126 -17.41 20.95 5.84
CA ILE B 126 -17.75 22.32 5.47
C ILE B 126 -19.24 22.57 5.66
N ILE B 127 -20.09 21.59 5.31
CA ILE B 127 -21.51 21.72 5.60
C ILE B 127 -21.75 21.88 7.10
N SER B 128 -21.02 21.12 7.93
CA SER B 128 -21.16 21.29 9.38
C SER B 128 -20.68 22.66 9.82
N PHE B 129 -19.60 23.14 9.23
CA PHE B 129 -19.09 24.48 9.50
C PHE B 129 -20.20 25.53 9.31
N ALA B 130 -20.86 25.50 8.16
CA ALA B 130 -21.91 26.47 7.89
C ALA B 130 -23.05 26.35 8.89
N LYS B 131 -23.48 25.11 9.19
CA LYS B 131 -24.63 24.88 10.05
C LYS B 131 -24.43 25.45 11.45
N VAL B 132 -23.21 25.41 11.97
CA VAL B 132 -22.95 25.90 13.32
C VAL B 132 -22.98 27.43 13.41
N ILE B 133 -22.82 28.13 12.30
CA ILE B 133 -22.70 29.58 12.32
C ILE B 133 -24.08 30.23 12.40
N SER B 134 -24.28 31.08 13.41
CA SER B 134 -25.56 31.78 13.62
C SER B 134 -26.04 32.48 12.36
N TYR B 135 -25.16 33.23 11.69
CA TYR B 135 -25.58 33.98 10.50
C TYR B 135 -26.04 33.07 9.36
N PHE B 136 -25.55 31.83 9.31
CA PHE B 136 -25.98 30.90 8.28
C PHE B 136 -27.24 30.16 8.66
N ARG B 137 -27.31 29.72 9.92
CA ARG B 137 -28.47 29.02 10.47
C ARG B 137 -29.78 29.74 10.17
N ASP B 138 -29.76 31.06 10.23
CA ASP B 138 -30.99 31.84 10.13
C ASP B 138 -31.44 32.07 8.70
N LEU B 139 -30.66 31.67 7.70
CA LEU B 139 -31.06 31.87 6.33
C LEU B 139 -32.13 30.86 5.93
N PRO B 140 -32.97 31.19 4.95
CA PRO B 140 -33.93 30.20 4.45
C PRO B 140 -33.20 29.02 3.84
N ILE B 141 -33.77 27.82 4.05
CA ILE B 141 -33.03 26.60 3.75
C ILE B 141 -32.62 26.54 2.28
N GLU B 142 -33.37 27.18 1.38
CA GLU B 142 -33.00 27.19 -0.03
C GLU B 142 -31.75 28.03 -0.27
N ASP B 143 -31.60 29.14 0.44
CA ASP B 143 -30.36 29.88 0.28
C ASP B 143 -29.19 29.15 0.93
N GLN B 144 -29.44 28.41 2.01
CA GLN B 144 -28.40 27.57 2.59
C GLN B 144 -27.88 26.56 1.57
N ILE B 145 -28.79 25.93 0.83
CA ILE B 145 -28.39 25.03 -0.24
C ILE B 145 -27.59 25.77 -1.31
N SER B 146 -28.08 26.92 -1.76
CA SER B 146 -27.43 27.62 -2.86
C SER B 146 -26.05 28.12 -2.46
N LEU B 147 -25.89 28.64 -1.23
CA LEU B 147 -24.58 29.09 -0.79
C LEU B 147 -23.60 27.93 -0.71
N LEU B 148 -24.06 26.77 -0.26
CA LEU B 148 -23.13 25.65 -0.09
C LEU B 148 -22.75 25.04 -1.43
N LYS B 149 -23.72 24.91 -2.35
CA LYS B 149 -23.41 24.57 -3.73
C LYS B 149 -22.33 25.48 -4.28
N GLY B 150 -22.48 26.79 -4.03
CA GLY B 150 -21.56 27.75 -4.61
C GLY B 150 -20.18 27.77 -3.98
N ALA B 151 -20.06 27.35 -2.73
CA ALA B 151 -18.81 27.56 -2.00
C ALA B 151 -18.07 26.30 -1.55
N ALA B 152 -18.68 25.13 -1.61
CA ALA B 152 -18.07 23.96 -0.96
C ALA B 152 -16.66 23.70 -1.47
N PHE B 153 -16.46 23.79 -2.78
CA PHE B 153 -15.13 23.54 -3.32
C PHE B 153 -14.16 24.60 -2.84
N GLU B 154 -14.60 25.86 -2.78
CA GLU B 154 -13.72 26.93 -2.33
C GLU B 154 -13.29 26.74 -0.88
N LEU B 155 -14.25 26.51 0.01
CA LEU B 155 -13.88 26.30 1.40
C LEU B 155 -13.05 25.04 1.55
N CYS B 156 -13.21 24.07 0.67
CA CYS B 156 -12.36 22.88 0.70
CA CYS B 156 -12.36 22.88 0.71
C CYS B 156 -10.91 23.23 0.43
N GLN B 157 -10.65 24.03 -0.61
CA GLN B 157 -9.27 24.40 -0.90
C GLN B 157 -8.67 25.21 0.24
N LEU B 158 -9.46 26.14 0.79
CA LEU B 158 -8.96 26.95 1.91
C LEU B 158 -8.55 26.06 3.07
N ARG B 159 -9.36 25.06 3.40
CA ARG B 159 -8.97 24.13 4.48
C ARG B 159 -7.75 23.31 4.08
N PHE B 160 -7.70 22.82 2.82
CA PHE B 160 -6.53 22.07 2.37
C PHE B 160 -5.27 22.91 2.42
N ASN B 161 -5.39 24.22 2.14
CA ASN B 161 -4.18 25.05 2.14
C ASN B 161 -3.54 25.10 3.51
N THR B 162 -4.33 25.01 4.58
CA THR B 162 -3.77 25.06 5.93
C THR B 162 -2.91 23.83 6.25
N VAL B 163 -3.07 22.72 5.53
CA VAL B 163 -2.23 21.55 5.74
C VAL B 163 -1.26 21.32 4.57
N PHE B 164 -1.11 22.32 3.70
CA PHE B 164 -0.18 22.23 2.59
C PHE B 164 1.24 22.58 3.06
N ASN B 165 2.18 21.70 2.76
CA ASN B 165 3.59 21.95 3.00
C ASN B 165 4.18 22.37 1.67
N ALA B 166 4.45 23.67 1.53
CA ALA B 166 4.98 24.19 0.27
C ALA B 166 6.42 23.75 0.00
N GLU B 167 7.16 23.33 1.03
CA GLU B 167 8.54 22.90 0.78
C GLU B 167 8.58 21.57 0.04
N THR B 168 7.66 20.66 0.38
CA THR B 168 7.66 19.31 -0.19
C THR B 168 6.54 19.09 -1.20
N GLY B 169 5.70 20.08 -1.45
CA GLY B 169 4.59 19.91 -2.35
C GLY B 169 3.64 18.83 -1.87
N THR B 170 3.28 18.86 -0.58
CA THR B 170 2.54 17.77 0.04
C THR B 170 1.43 18.30 0.92
N TRP B 171 0.23 17.76 0.74
CA TRP B 171 -0.87 17.99 1.65
C TRP B 171 -0.81 16.94 2.75
N GLU B 172 -0.61 17.38 3.97
CA GLU B 172 -0.36 16.49 5.12
C GLU B 172 -1.65 16.30 5.89
N CYS B 173 -2.38 15.22 5.57
CA CYS B 173 -3.71 15.04 6.12
C CYS B 173 -3.73 13.96 7.19
N GLY B 174 -3.08 14.20 8.31
CA GLY B 174 -3.06 13.18 9.35
C GLY B 174 -2.29 12.00 8.86
N ARG B 175 -2.86 10.80 8.94
CA ARG B 175 -2.14 9.64 8.45
C ARG B 175 -2.04 9.59 6.92
N LEU B 176 -2.87 10.37 6.21
CA LEU B 176 -2.83 10.41 4.76
C LEU B 176 -1.98 11.59 4.30
N SER B 177 -1.24 11.38 3.21
CA SER B 177 -0.40 12.40 2.59
C SER B 177 -0.61 12.36 1.07
N TYR B 178 -0.73 13.53 0.45
CA TYR B 178 -0.83 13.64 -1.00
C TYR B 178 0.36 14.45 -1.50
N CYS B 179 1.15 13.87 -2.40
CA CYS B 179 2.42 14.46 -2.80
C CYS B 179 2.43 14.66 -4.31
N LEU B 180 2.66 15.90 -4.72
CA LEU B 180 2.78 16.24 -6.13
C LEU B 180 3.89 15.43 -6.78
N GLU B 181 3.59 14.91 -7.97
CA GLU B 181 4.49 13.94 -8.60
C GLU B 181 5.87 14.53 -8.90
N ASP B 182 5.99 15.36 -9.93
CA ASP B 182 7.29 15.86 -10.39
C ASP B 182 8.29 14.76 -10.64
N GLN B 188 7.99 25.11 -10.47
CA GLN B 188 8.36 25.92 -11.64
C GLN B 188 7.35 25.74 -12.77
N GLN B 189 7.37 24.58 -13.40
CA GLN B 189 6.39 24.23 -14.41
C GLN B 189 5.05 23.81 -13.83
N LEU B 190 4.99 23.52 -12.52
CA LEU B 190 3.73 23.23 -11.86
C LEU B 190 2.97 24.49 -11.48
N LEU B 191 3.66 25.61 -11.34
CA LEU B 191 2.99 26.89 -11.12
C LEU B 191 2.08 27.25 -12.29
N LEU B 192 2.16 26.50 -13.39
CA LEU B 192 1.29 26.71 -14.54
C LEU B 192 -0.12 26.19 -14.32
N GLU B 193 -0.34 25.33 -13.32
CA GLU B 193 -1.68 24.88 -12.99
C GLU B 193 -2.33 25.84 -12.02
N PRO B 194 -3.42 26.53 -12.40
CA PRO B 194 -3.96 27.57 -11.52
C PRO B 194 -4.31 27.06 -10.12
N MET B 195 -4.79 25.82 -10.02
CA MET B 195 -5.01 25.20 -8.71
C MET B 195 -3.74 25.18 -7.88
N LEU B 196 -2.64 24.70 -8.48
CA LEU B 196 -1.40 24.58 -7.72
C LEU B 196 -0.80 25.94 -7.42
N LYS B 197 -0.82 26.86 -8.40
CA LYS B 197 -0.36 28.23 -8.16
C LYS B 197 -1.09 28.88 -6.99
N PHE B 198 -2.41 28.66 -6.91
CA PHE B 198 -3.18 29.20 -5.80
C PHE B 198 -2.64 28.74 -4.46
N HIS B 199 -2.45 27.43 -4.32
CA HIS B 199 -1.98 26.91 -3.04
C HIS B 199 -0.62 27.45 -2.66
N TYR B 200 0.33 27.50 -3.60
CA TYR B 200 1.65 28.06 -3.29
C TYR B 200 1.53 29.55 -2.95
N MET B 201 0.79 30.30 -3.75
CA MET B 201 0.67 31.74 -3.47
C MET B 201 -0.05 32.00 -2.15
N LEU B 202 -1.10 31.24 -1.84
CA LEU B 202 -1.80 31.47 -0.59
C LEU B 202 -0.93 31.12 0.60
N LYS B 203 -0.19 30.01 0.49
CA LYS B 203 0.69 29.62 1.59
C LYS B 203 1.72 30.70 1.86
N LYS B 204 2.21 31.35 0.81
CA LYS B 204 3.25 32.36 0.97
C LYS B 204 2.75 33.56 1.76
N LEU B 205 1.43 33.74 1.87
CA LEU B 205 0.94 34.87 2.66
C LEU B 205 1.09 34.63 4.16
N GLN B 206 1.32 33.38 4.57
CA GLN B 206 1.53 33.05 5.98
C GLN B 206 0.38 33.55 6.85
N LEU B 207 -0.83 33.18 6.47
CA LEU B 207 -2.01 33.68 7.15
C LEU B 207 -2.19 33.02 8.50
N HIS B 208 -2.85 33.75 9.41
CA HIS B 208 -3.32 33.22 10.69
C HIS B 208 -4.59 32.38 10.50
N GLU B 209 -4.86 31.51 11.48
CA GLU B 209 -6.11 30.76 11.49
C GLU B 209 -7.31 31.69 11.34
N GLU B 210 -7.29 32.82 12.06
CA GLU B 210 -8.38 33.80 12.00
C GLU B 210 -8.59 34.32 10.58
N GLU B 211 -7.51 34.49 9.85
CA GLU B 211 -7.62 35.00 8.50
C GLU B 211 -8.15 33.94 7.53
N TYR B 212 -7.71 32.68 7.67
CA TYR B 212 -8.33 31.59 6.90
C TYR B 212 -9.83 31.50 7.16
N VAL B 213 -10.25 31.58 8.43
CA VAL B 213 -11.66 31.32 8.71
C VAL B 213 -12.51 32.49 8.25
N LEU B 214 -11.96 33.71 8.26
CA LEU B 214 -12.70 34.82 7.67
C LEU B 214 -12.75 34.72 6.14
N MET B 215 -11.71 34.18 5.47
CA MET B 215 -11.83 33.90 4.03
C MET B 215 -12.94 32.90 3.76
N GLN B 216 -13.04 31.87 4.61
CA GLN B 216 -14.12 30.89 4.46
C GLN B 216 -15.49 31.56 4.56
N ALA B 217 -15.67 32.45 5.53
CA ALA B 217 -16.95 33.14 5.69
C ALA B 217 -17.25 34.06 4.50
N ILE B 218 -16.25 34.79 4.03
CA ILE B 218 -16.46 35.69 2.89
C ILE B 218 -16.88 34.89 1.66
N SER B 219 -16.19 33.77 1.41
CA SER B 219 -16.56 32.93 0.27
C SER B 219 -17.93 32.26 0.48
N LEU B 220 -18.20 31.77 1.70
CA LEU B 220 -19.51 31.16 1.98
C LEU B 220 -20.65 32.14 1.72
N PHE B 221 -20.55 33.35 2.25
CA PHE B 221 -21.62 34.35 2.15
C PHE B 221 -21.48 35.21 0.90
N SER B 222 -21.37 34.56 -0.25
CA SER B 222 -21.26 35.24 -1.52
C SER B 222 -22.66 35.55 -2.05
N PRO B 223 -23.04 36.82 -2.22
CA PRO B 223 -24.43 37.11 -2.61
C PRO B 223 -24.80 36.66 -4.01
N ASP B 224 -23.84 36.44 -4.90
CA ASP B 224 -24.17 36.21 -6.31
C ASP B 224 -23.95 34.78 -6.77
N ARG B 225 -24.01 33.83 -5.85
CA ARG B 225 -24.06 32.43 -6.26
C ARG B 225 -25.37 32.18 -7.00
N PRO B 226 -25.39 31.23 -7.95
CA PRO B 226 -26.66 30.91 -8.62
C PRO B 226 -27.72 30.49 -7.60
N GLY B 227 -28.95 30.93 -7.84
CA GLY B 227 -30.08 30.49 -7.03
C GLY B 227 -30.31 31.26 -5.74
N VAL B 228 -29.35 32.04 -5.27
CA VAL B 228 -29.53 32.77 -4.03
C VAL B 228 -30.63 33.79 -4.21
N LEU B 229 -31.57 33.82 -3.27
CA LEU B 229 -32.69 34.76 -3.33
C LEU B 229 -32.49 35.98 -2.44
N GLN B 230 -31.92 35.82 -1.25
CA GLN B 230 -31.74 36.95 -0.34
C GLN B 230 -30.41 37.67 -0.61
N HIS B 231 -30.28 38.20 -1.84
CA HIS B 231 -29.04 38.87 -2.23
C HIS B 231 -28.61 39.90 -1.22
N ARG B 232 -29.53 40.75 -0.79
CA ARG B 232 -29.12 41.90 0.02
C ARG B 232 -28.71 41.47 1.43
N VAL B 233 -29.43 40.53 2.03
CA VAL B 233 -29.03 40.00 3.34
C VAL B 233 -27.65 39.36 3.28
N VAL B 234 -27.44 38.46 2.32
CA VAL B 234 -26.17 37.77 2.26
C VAL B 234 -25.06 38.78 2.00
N ASP B 235 -25.32 39.75 1.11
CA ASP B 235 -24.32 40.77 0.79
C ASP B 235 -23.93 41.60 2.00
N GLN B 236 -24.90 42.00 2.82
CA GLN B 236 -24.56 42.72 4.04
C GLN B 236 -23.77 41.85 5.01
N LEU B 237 -24.06 40.55 5.04
CA LEU B 237 -23.26 39.66 5.87
C LEU B 237 -21.84 39.56 5.36
N GLN B 238 -21.66 39.37 4.06
CA GLN B 238 -20.31 39.29 3.52
C GLN B 238 -19.51 40.54 3.84
N GLU B 239 -20.13 41.70 3.67
CA GLU B 239 -19.41 42.96 3.88
C GLU B 239 -18.88 43.06 5.31
N GLN B 240 -19.65 42.57 6.29
CA GLN B 240 -19.20 42.64 7.69
C GLN B 240 -18.05 41.65 7.97
N PHE B 241 -18.05 40.49 7.33
CA PHE B 241 -16.90 39.60 7.42
C PHE B 241 -15.66 40.25 6.81
N ALA B 242 -15.81 40.95 5.68
CA ALA B 242 -14.66 41.58 5.05
C ALA B 242 -14.12 42.74 5.88
N ILE B 243 -15.01 43.50 6.51
CA ILE B 243 -14.59 44.61 7.37
C ILE B 243 -13.89 44.08 8.62
N THR B 244 -14.37 42.97 9.16
CA THR B 244 -13.73 42.34 10.31
C THR B 244 -12.33 41.86 9.94
N LEU B 245 -12.18 41.25 8.76
CA LEU B 245 -10.87 40.83 8.27
C LEU B 245 -9.91 42.01 8.13
N LYS B 246 -10.33 43.04 7.40
CA LYS B 246 -9.48 44.22 7.25
C LYS B 246 -9.06 44.78 8.60
N SER B 247 -9.98 44.86 9.55
CA SER B 247 -9.67 45.37 10.87
C SER B 247 -8.74 44.43 11.64
N TYR B 248 -8.99 43.12 11.56
CA TYR B 248 -8.08 42.17 12.20
C TYR B 248 -6.65 42.38 11.72
N ILE B 249 -6.48 42.51 10.41
CA ILE B 249 -5.14 42.66 9.85
C ILE B 249 -4.50 43.94 10.35
N GLU B 250 -5.28 45.03 10.45
CA GLU B 250 -4.73 46.31 10.88
C GLU B 250 -4.24 46.25 12.31
N CYS B 251 -4.92 45.48 13.16
CA CYS B 251 -4.52 45.40 14.56
C CYS B 251 -3.34 44.47 14.80
N ASN B 252 -3.07 43.51 13.89
CA ASN B 252 -2.13 42.43 14.20
C ASN B 252 -0.99 42.25 13.19
N ARG B 253 -0.93 43.03 12.11
CA ARG B 253 0.08 42.88 11.04
C ARG B 253 0.89 44.15 10.79
N PRO B 254 1.57 44.72 11.79
CA PRO B 254 2.29 45.99 11.54
C PRO B 254 3.48 45.88 10.57
N GLN B 255 3.91 44.68 10.17
CA GLN B 255 5.17 44.59 9.45
C GLN B 255 5.01 44.91 7.97
N PRO B 256 6.06 45.45 7.32
CA PRO B 256 5.94 45.78 5.89
C PRO B 256 5.81 44.57 4.99
N ALA B 257 6.18 43.39 5.47
CA ALA B 257 5.89 42.17 4.72
C ALA B 257 4.39 42.01 4.49
N HIS B 258 3.54 42.65 5.31
CA HIS B 258 2.10 42.52 5.21
C HIS B 258 1.42 43.78 4.71
N ARG B 259 2.16 44.65 4.02
CA ARG B 259 1.51 45.77 3.36
C ARG B 259 0.54 45.26 2.31
N PHE B 260 -0.65 45.86 2.27
CA PHE B 260 -1.71 45.49 1.33
C PHE B 260 -2.23 44.05 1.54
N LEU B 261 -1.99 43.43 2.71
CA LEU B 261 -2.39 42.03 2.90
C LEU B 261 -3.89 41.84 2.68
N PHE B 262 -4.71 42.74 3.23
CA PHE B 262 -6.14 42.62 3.05
C PHE B 262 -6.51 42.58 1.57
N LEU B 263 -5.96 43.48 0.78
CA LEU B 263 -6.31 43.48 -0.63
C LEU B 263 -5.74 42.26 -1.36
N LYS B 264 -4.59 41.74 -0.93
CA LYS B 264 -4.11 40.49 -1.54
C LYS B 264 -5.08 39.35 -1.26
N ILE B 265 -5.59 39.26 -0.03
CA ILE B 265 -6.51 38.18 0.31
C ILE B 265 -7.77 38.29 -0.52
N MET B 266 -8.30 39.51 -0.66
CA MET B 266 -9.50 39.69 -1.46
C MET B 266 -9.26 39.29 -2.91
N ALA B 267 -8.09 39.66 -3.47
CA ALA B 267 -7.75 39.21 -4.82
C ALA B 267 -7.67 37.69 -4.87
N MET B 268 -7.07 37.05 -3.85
CA MET B 268 -6.98 35.59 -3.86
C MET B 268 -8.37 34.96 -3.87
N LEU B 269 -9.32 35.57 -3.14
CA LEU B 269 -10.70 35.06 -3.11
C LEU B 269 -11.36 35.15 -4.48
N THR B 270 -11.13 36.26 -5.20
CA THR B 270 -11.59 36.36 -6.59
C THR B 270 -10.95 35.29 -7.47
N GLU B 271 -9.65 35.01 -7.28
CA GLU B 271 -9.01 33.91 -8.00
C GLU B 271 -9.61 32.57 -7.62
N LEU B 272 -9.93 32.37 -6.34
CA LEU B 272 -10.51 31.09 -5.92
C LEU B 272 -11.84 30.86 -6.61
N ARG B 273 -12.62 31.93 -6.79
CA ARG B 273 -13.87 31.78 -7.51
C ARG B 273 -13.65 31.35 -8.95
N SER B 274 -12.56 31.79 -9.59
CA SER B 274 -12.32 31.41 -10.97
C SER B 274 -11.84 29.97 -11.06
N ILE B 275 -10.96 29.56 -10.15
CA ILE B 275 -10.53 28.17 -10.06
C ILE B 275 -11.72 27.25 -9.77
N ASN B 276 -12.64 27.70 -8.92
CA ASN B 276 -13.90 26.99 -8.71
C ASN B 276 -14.60 26.70 -10.03
N ALA B 277 -14.74 27.72 -10.88
CA ALA B 277 -15.48 27.53 -12.12
C ALA B 277 -14.76 26.57 -13.06
N GLN B 278 -13.43 26.70 -13.14
CA GLN B 278 -12.62 25.81 -14.01
C GLN B 278 -12.74 24.35 -13.54
N HIS B 279 -12.86 24.14 -12.23
N HIS B 279 -12.90 24.15 -12.24
CA HIS B 279 -12.99 22.76 -11.68
CA HIS B 279 -12.99 22.77 -11.70
C HIS B 279 -14.37 22.19 -12.01
C HIS B 279 -14.37 22.18 -11.98
N THR B 280 -15.41 22.97 -11.72
CA THR B 280 -16.78 22.51 -12.03
C THR B 280 -16.73 21.99 -13.47
N GLN B 281 -16.13 22.74 -14.39
CA GLN B 281 -16.11 22.30 -15.77
C GLN B 281 -15.23 21.06 -15.92
N ARG B 282 -14.10 21.04 -15.24
CA ARG B 282 -13.18 19.91 -15.30
C ARG B 282 -13.85 18.63 -14.83
N LEU B 283 -14.54 18.71 -13.69
CA LEU B 283 -15.20 17.55 -13.12
C LEU B 283 -16.24 16.96 -14.06
N LEU B 284 -17.01 17.85 -14.72
CA LEU B 284 -18.09 17.39 -15.59
C LEU B 284 -17.54 16.62 -16.80
N ARG B 285 -16.44 17.11 -17.38
CA ARG B 285 -15.81 16.39 -18.50
C ARG B 285 -15.41 14.99 -18.06
N ILE B 286 -14.76 14.87 -16.90
CA ILE B 286 -14.32 13.57 -16.41
C ILE B 286 -15.51 12.69 -16.10
N GLN B 287 -16.52 13.25 -15.43
CA GLN B 287 -17.71 12.51 -15.06
C GLN B 287 -18.43 11.97 -16.29
N ASP B 288 -18.44 12.76 -17.38
CA ASP B 288 -19.11 12.36 -18.61
C ASP B 288 -18.58 11.03 -19.12
N ILE B 289 -17.26 10.92 -19.26
CA ILE B 289 -16.66 9.72 -19.84
C ILE B 289 -16.17 8.75 -18.79
N HIS B 290 -16.21 9.11 -17.52
CA HIS B 290 -15.90 8.12 -16.50
C HIS B 290 -16.55 8.51 -15.18
N PRO B 291 -17.79 8.07 -14.94
CA PRO B 291 -18.49 8.46 -13.71
C PRO B 291 -17.69 8.09 -12.48
N PHE B 292 -17.67 8.99 -11.51
CA PHE B 292 -16.91 8.71 -10.29
C PHE B 292 -17.44 9.51 -9.09
N ALA B 293 -18.19 10.57 -9.34
CA ALA B 293 -18.59 11.47 -8.26
C ALA B 293 -19.61 10.79 -7.36
N THR B 294 -19.52 11.06 -6.05
CA THR B 294 -20.45 10.52 -5.07
C THR B 294 -21.78 11.27 -5.15
N PRO B 295 -22.86 10.70 -4.60
CA PRO B 295 -24.14 11.42 -4.65
C PRO B 295 -24.08 12.84 -4.08
N LEU B 296 -23.35 13.06 -2.98
CA LEU B 296 -23.25 14.42 -2.45
C LEU B 296 -22.52 15.33 -3.43
N MET B 297 -21.49 14.81 -4.08
CA MET B 297 -20.76 15.57 -5.09
C MET B 297 -21.67 15.93 -6.27
N GLN B 298 -22.47 14.97 -6.73
CA GLN B 298 -23.37 15.23 -7.83
C GLN B 298 -24.35 16.34 -7.48
N GLU B 299 -24.87 16.31 -6.24
CA GLU B 299 -25.77 17.36 -5.77
C GLU B 299 -25.07 18.70 -5.75
N LEU B 300 -23.83 18.74 -5.24
CA LEU B 300 -23.13 20.02 -5.06
C LEU B 300 -22.75 20.64 -6.40
N PHE B 301 -22.45 19.81 -7.40
CA PHE B 301 -21.85 20.26 -8.67
C PHE B 301 -22.81 20.23 -9.85
N GLY B 302 -24.06 19.81 -9.66
CA GLY B 302 -25.05 19.90 -10.72
C GLY B 302 -25.18 18.70 -11.62
N ILE B 303 -24.64 17.55 -11.24
CA ILE B 303 -24.68 16.36 -12.10
C ILE B 303 -26.06 15.72 -12.01
N THR B 304 -26.73 15.59 -13.15
CA THR B 304 -28.04 14.95 -13.21
C THR B 304 -27.89 13.44 -13.47
N SER B 318 -37.39 19.47 -9.56
CA SER B 318 -38.23 20.64 -9.80
C SER B 318 -37.75 21.86 -8.99
N SER B 319 -37.97 21.86 -7.67
CA SER B 319 -37.52 22.96 -6.83
C SER B 319 -36.15 22.65 -6.23
N LEU B 320 -35.56 23.67 -5.63
CA LEU B 320 -34.21 23.54 -5.08
C LEU B 320 -34.14 22.42 -4.05
N THR B 321 -35.15 22.32 -3.19
CA THR B 321 -35.07 21.38 -2.08
C THR B 321 -35.27 19.94 -2.56
N GLU B 322 -36.08 19.73 -3.59
CA GLU B 322 -36.31 18.38 -4.10
C GLU B 322 -35.04 17.83 -4.74
N ARG B 323 -34.38 18.64 -5.55
CA ARG B 323 -33.22 18.20 -6.33
C ARG B 323 -31.94 18.07 -5.50
N HIS B 324 -31.99 18.29 -4.19
CA HIS B 324 -30.80 18.22 -3.35
C HIS B 324 -31.15 17.58 -2.02
N LYS B 325 -31.61 16.32 -2.08
CA LYS B 325 -32.21 15.71 -0.89
C LYS B 325 -31.16 15.40 0.18
N ILE B 326 -29.92 15.12 -0.21
CA ILE B 326 -28.89 14.89 0.79
C ILE B 326 -28.56 16.19 1.51
N LEU B 327 -28.27 17.23 0.75
CA LEU B 327 -28.01 18.54 1.35
C LEU B 327 -29.16 18.97 2.25
N HIS B 328 -30.39 18.82 1.75
CA HIS B 328 -31.56 19.17 2.55
C HIS B 328 -31.60 18.36 3.85
N ARG B 329 -31.36 17.05 3.78
CA ARG B 329 -31.34 16.23 4.98
C ARG B 329 -30.24 16.68 5.94
N LEU B 330 -29.01 16.84 5.44
CA LEU B 330 -27.90 17.26 6.29
C LEU B 330 -28.20 18.57 6.99
N LEU B 331 -28.89 19.50 6.31
CA LEU B 331 -29.20 20.78 6.92
C LEU B 331 -30.30 20.66 7.98
N GLN B 332 -31.24 19.71 7.83
CA GLN B 332 -32.25 19.54 8.86
C GLN B 332 -31.70 18.85 10.10
N GLU B 333 -30.61 18.09 9.96
CA GLU B 333 -29.97 17.46 11.10
C GLU B 333 -29.20 18.51 11.90
#